data_6O1E
#
_entry.id   6O1E
#
_cell.length_a   119.510
_cell.length_b   119.510
_cell.length_c   76.880
_cell.angle_alpha   90.00
_cell.angle_beta   90.00
_cell.angle_gamma   120.00
#
_symmetry.space_group_name_H-M   'P 31 2 1'
#
loop_
_entity.id
_entity.type
_entity.pdbx_description
1 polymer 'MORC family CW-type zinc finger protein 3'
2 non-polymer 'ZINC ION'
3 non-polymer 'MAGNESIUM ION'
4 non-polymer 'PHOSPHOAMINOPHOSPHONIC ACID-ADENYLATE ESTER'
5 water water
#
_entity_poly.entity_id   1
_entity_poly.type   'polypeptide(L)'
_entity_poly.pdbx_seq_one_letter_code
;MAAQPPRGIRLSALCPKFLHTNSTSHTWPFSAVAELIDNAYDPDVNAKQIWIDKTVINDHICLTFTDNGNGMTSDKLHKM
LSFGFSDKVTMNGHVPVGLYGNGFKSGSMRLGKDAIVFTKNGESMSVGLLSQTYLEVIKAEHVVVPIVAFNKHRQMINLA
ESKASLAAILEHSLFSTEQKLLAELDAIIGKKGTRIIIWNLRSYKNATEFDFEKDKYDIRIPEDLDEITGKKGYKKQERM
DQIAPESDYSLRAYCSILYLKPRMQIILRGQKVKTQLVSKSLAYIERDVYRPKFLSKTVRITFGFNCRNKDHYGIMMYHR
NRLIKAYEKVGCQLRANNMGVGVVGIIECNFLKPTHNKQDFDYTNEYRLTITALGEKLNDYWNEMKVKKNTEYPLNLPVE
DIQKRPDQTWVQCDACLKWRKLPDGMDQLPEKWYCSNNPDPQFRNCEVPEEPEDE
;
_entity_poly.pdbx_strand_id   A
#
loop_
_chem_comp.id
_chem_comp.type
_chem_comp.name
_chem_comp.formula
ANP non-polymer 'PHOSPHOAMINOPHOSPHONIC ACID-ADENYLATE ESTER' 'C10 H17 N6 O12 P3'
MG non-polymer 'MAGNESIUM ION' 'Mg 2'
ZN non-polymer 'ZINC ION' 'Zn 2'
#
# COMPACT_ATOMS: atom_id res chain seq x y z
N ILE A 9 24.20 -20.13 -27.16
CA ILE A 9 23.57 -18.80 -27.25
C ILE A 9 23.60 -18.09 -25.90
N ARG A 10 24.09 -16.85 -25.89
CA ARG A 10 24.44 -16.19 -24.64
C ARG A 10 23.21 -15.57 -23.96
N LEU A 11 23.18 -15.66 -22.63
CA LEU A 11 22.16 -15.01 -21.83
C LEU A 11 22.31 -13.50 -21.92
N SER A 12 21.17 -12.80 -21.96
CA SER A 12 21.21 -11.36 -21.78
C SER A 12 21.69 -11.04 -20.36
N ALA A 13 22.67 -10.15 -20.25
CA ALA A 13 23.30 -9.88 -18.97
C ALA A 13 22.59 -8.75 -18.24
N LEU A 14 22.83 -8.68 -16.93
CA LEU A 14 22.22 -7.66 -16.08
C LEU A 14 23.29 -7.02 -15.20
N CYS A 15 23.68 -5.75 -15.55
CA CYS A 15 24.73 -4.96 -14.89
C CYS A 15 24.18 -4.33 -13.62
N PRO A 16 24.99 -4.24 -12.55
CA PRO A 16 24.46 -3.69 -11.29
C PRO A 16 24.02 -2.24 -11.36
N LYS A 17 24.54 -1.44 -12.31
CA LYS A 17 23.98 -0.10 -12.53
C LYS A 17 22.46 -0.17 -12.76
N PHE A 18 21.98 -1.26 -13.35
CA PHE A 18 20.56 -1.40 -13.65
C PHE A 18 19.70 -1.48 -12.40
N LEU A 19 20.26 -1.87 -11.25
CA LEU A 19 19.50 -1.75 -10.02
C LEU A 19 19.16 -0.29 -9.73
N HIS A 20 20.04 0.64 -10.08
CA HIS A 20 19.69 2.04 -9.89
C HIS A 20 18.69 2.50 -10.93
N THR A 21 19.04 2.32 -12.21
CA THR A 21 18.16 2.60 -13.35
C THR A 21 16.72 2.15 -13.12
N ASN A 22 16.55 0.86 -12.83
CA ASN A 22 15.24 0.28 -12.59
C ASN A 22 14.48 0.98 -11.47
N SER A 23 15.18 1.66 -10.56
CA SER A 23 14.48 2.30 -9.46
C SER A 23 13.99 3.71 -9.80
N THR A 24 14.51 4.33 -10.87
CA THR A 24 14.18 5.73 -11.16
C THR A 24 12.74 5.95 -11.62
N SER A 25 11.93 4.91 -11.85
CA SER A 25 10.54 5.19 -12.18
C SER A 25 9.72 5.59 -10.97
N HIS A 26 10.27 5.49 -9.75
CA HIS A 26 9.60 5.98 -8.54
C HIS A 26 10.11 7.38 -8.28
N THR A 27 9.29 8.39 -8.54
CA THR A 27 9.71 9.73 -8.18
C THR A 27 9.22 10.11 -6.78
N TRP A 28 7.99 9.77 -6.48
CA TRP A 28 7.43 9.94 -5.15
C TRP A 28 7.83 8.75 -4.28
N PRO A 29 8.53 8.96 -3.16
CA PRO A 29 9.04 7.81 -2.40
C PRO A 29 7.96 6.86 -1.88
N PHE A 30 6.74 7.37 -1.65
CA PHE A 30 5.69 6.50 -1.11
C PHE A 30 5.24 5.46 -2.12
N SER A 31 5.48 5.67 -3.42
CA SER A 31 5.13 4.62 -4.36
C SER A 31 6.07 3.43 -4.21
N ALA A 32 7.30 3.67 -3.76
CA ALA A 32 8.17 2.55 -3.44
C ALA A 32 7.66 1.80 -2.21
N VAL A 33 7.24 2.53 -1.19
CA VAL A 33 6.69 1.87 -0.01
C VAL A 33 5.47 1.05 -0.38
N ALA A 34 4.60 1.59 -1.24
CA ALA A 34 3.37 0.87 -1.57
C ALA A 34 3.66 -0.44 -2.30
N GLU A 35 4.78 -0.52 -3.01
CA GLU A 35 5.13 -1.78 -3.67
C GLU A 35 5.35 -2.89 -2.64
N LEU A 36 5.94 -2.55 -1.50
CA LEU A 36 6.19 -3.54 -0.46
C LEU A 36 4.91 -3.89 0.30
N ILE A 37 4.06 -2.89 0.59
CA ILE A 37 2.76 -3.20 1.17
C ILE A 37 1.95 -4.09 0.23
N ASP A 38 1.94 -3.78 -1.07
CA ASP A 38 1.20 -4.57 -2.05
C ASP A 38 1.61 -6.04 -2.03
N ASN A 39 2.91 -6.30 -1.86
CA ASN A 39 3.37 -7.69 -1.87
C ASN A 39 2.87 -8.46 -0.66
N ALA A 40 2.80 -7.82 0.50
CA ALA A 40 2.23 -8.54 1.65
C ALA A 40 0.72 -8.69 1.49
N TYR A 41 0.07 -7.75 0.82
CA TYR A 41 -1.38 -7.81 0.67
C TYR A 41 -1.79 -8.91 -0.31
N ASP A 42 -0.97 -9.21 -1.30
CA ASP A 42 -1.41 -10.04 -2.42
C ASP A 42 -1.74 -11.45 -1.94
N PRO A 43 -2.61 -12.17 -2.66
CA PRO A 43 -3.20 -13.39 -2.09
C PRO A 43 -2.25 -14.58 -1.99
N ASP A 44 -1.15 -14.59 -2.73
CA ASP A 44 -0.15 -15.66 -2.57
C ASP A 44 0.64 -15.52 -1.26
N VAL A 45 0.77 -14.30 -0.74
CA VAL A 45 1.37 -14.07 0.58
C VAL A 45 0.30 -14.07 1.65
N ASN A 46 -0.72 -13.24 1.46
CA ASN A 46 -1.95 -13.26 2.25
C ASN A 46 -1.67 -12.94 3.71
N ALA A 47 -0.75 -12.00 3.94
CA ALA A 47 -0.47 -11.60 5.32
C ALA A 47 -1.67 -10.91 5.94
N LYS A 48 -1.77 -11.04 7.26
CA LYS A 48 -2.81 -10.38 8.04
C LYS A 48 -2.33 -9.04 8.58
N GLN A 49 -1.03 -8.89 8.81
CA GLN A 49 -0.44 -7.67 9.32
C GLN A 49 0.89 -7.44 8.64
N ILE A 50 1.19 -6.18 8.34
CA ILE A 50 2.54 -5.79 7.98
C ILE A 50 2.97 -4.69 8.93
N TRP A 51 4.21 -4.78 9.40
CA TRP A 51 4.81 -3.80 10.29
C TRP A 51 5.87 -3.05 9.51
N ILE A 52 5.77 -1.73 9.50
CA ILE A 52 6.79 -0.85 8.94
C ILE A 52 7.40 -0.08 10.10
N ASP A 53 8.73 0.05 10.11
CA ASP A 53 9.38 0.76 11.21
C ASP A 53 10.70 1.37 10.76
N LYS A 54 11.13 2.37 11.53
CA LYS A 54 12.49 2.91 11.47
C LYS A 54 13.25 2.33 12.66
N THR A 55 14.44 1.77 12.41
CA THR A 55 15.35 1.33 13.45
C THR A 55 16.77 1.72 13.04
N VAL A 56 17.69 1.66 13.99
CA VAL A 56 19.12 1.83 13.73
C VAL A 56 19.80 0.49 14.03
N ILE A 57 20.63 0.02 13.09
CA ILE A 57 21.34 -1.24 13.20
C ILE A 57 22.74 -1.01 12.66
N ASN A 58 23.76 -1.24 13.49
CA ASN A 58 25.16 -1.05 13.08
C ASN A 58 25.42 0.39 12.65
N ASP A 59 24.77 1.34 13.32
CA ASP A 59 24.88 2.79 13.12
C ASP A 59 24.28 3.27 11.80
N HIS A 60 23.55 2.43 11.08
CA HIS A 60 22.84 2.82 9.87
C HIS A 60 21.36 3.00 10.18
N ILE A 61 20.74 4.02 9.60
CA ILE A 61 19.29 4.15 9.69
C ILE A 61 18.65 3.16 8.72
N CYS A 62 17.60 2.48 9.17
CA CYS A 62 17.08 1.28 8.52
C CYS A 62 15.56 1.33 8.42
N LEU A 63 15.04 0.85 7.30
CA LEU A 63 13.61 0.63 7.13
C LEU A 63 13.33 -0.87 7.16
N THR A 64 12.38 -1.28 7.99
CA THR A 64 12.02 -2.70 8.08
C THR A 64 10.56 -2.88 7.76
N PHE A 65 10.27 -3.99 7.09
CA PHE A 65 8.93 -4.38 6.68
C PHE A 65 8.78 -5.82 7.09
N THR A 66 7.91 -6.09 8.04
CA THR A 66 7.70 -7.44 8.54
C THR A 66 6.23 -7.82 8.36
N ASP A 67 5.98 -8.98 7.78
CA ASP A 67 4.63 -9.47 7.62
C ASP A 67 4.54 -10.92 8.09
N ASN A 68 3.34 -11.34 8.45
CA ASN A 68 3.07 -12.70 8.92
C ASN A 68 2.32 -13.51 7.87
N GLY A 69 2.71 -13.36 6.60
CA GLY A 69 2.13 -14.12 5.51
C GLY A 69 2.86 -15.44 5.29
N ASN A 70 2.70 -15.99 4.09
CA ASN A 70 3.09 -17.37 3.84
C ASN A 70 4.60 -17.60 3.69
N GLY A 71 5.39 -16.55 3.47
CA GLY A 71 6.83 -16.73 3.30
C GLY A 71 7.20 -17.32 1.94
N MET A 72 8.48 -17.71 1.81
CA MET A 72 9.01 -18.16 0.53
C MET A 72 9.95 -19.34 0.71
N THR A 73 9.89 -20.28 -0.24
CA THR A 73 10.99 -21.21 -0.42
C THR A 73 12.22 -20.48 -0.94
N SER A 74 13.38 -21.04 -0.65
CA SER A 74 14.64 -20.54 -1.19
C SER A 74 14.56 -20.27 -2.70
N ASP A 75 13.79 -21.06 -3.45
N ASP A 75 13.83 -20.97 -3.47
CA ASP A 75 13.74 -20.85 -4.90
CA ASP A 75 13.77 -20.76 -4.92
C ASP A 75 12.89 -19.63 -5.25
C ASP A 75 12.93 -19.54 -5.28
N LYS A 76 11.70 -19.49 -4.64
CA LYS A 76 10.89 -18.31 -4.96
C LYS A 76 11.57 -17.03 -4.51
N LEU A 77 12.38 -17.10 -3.43
CA LEU A 77 13.18 -15.96 -3.02
C LEU A 77 14.15 -15.53 -4.12
N HIS A 78 14.82 -16.49 -4.76
CA HIS A 78 15.66 -16.13 -5.89
C HIS A 78 14.84 -15.55 -7.04
N LYS A 79 13.59 -15.97 -7.19
CA LYS A 79 12.75 -15.38 -8.22
C LYS A 79 12.33 -13.96 -7.82
N MET A 80 12.04 -13.74 -6.54
CA MET A 80 11.74 -12.39 -6.07
C MET A 80 12.93 -11.46 -6.25
N LEU A 81 14.15 -11.97 -6.07
CA LEU A 81 15.34 -11.16 -6.31
C LEU A 81 15.76 -11.16 -7.77
N SER A 82 14.90 -11.62 -8.67
CA SER A 82 15.14 -11.57 -10.10
C SER A 82 14.08 -10.69 -10.78
N PHE A 83 14.16 -10.56 -12.09
CA PHE A 83 13.37 -9.58 -12.81
C PHE A 83 12.35 -10.28 -13.70
N GLY A 84 11.07 -10.02 -13.46
CA GLY A 84 10.03 -10.45 -14.38
C GLY A 84 9.33 -11.73 -14.02
N PHE A 85 9.67 -12.35 -12.89
CA PHE A 85 9.02 -13.57 -12.42
C PHE A 85 7.81 -13.17 -11.59
N SER A 86 6.63 -13.37 -12.14
CA SER A 86 5.39 -13.02 -11.47
C SER A 86 4.37 -14.01 -11.98
N ASP A 87 3.73 -14.75 -11.06
N ASP A 87 3.77 -14.66 -11.08
CA ASP A 87 2.67 -15.68 -11.44
CA ASP A 87 2.71 -15.59 -11.47
C ASP A 87 1.52 -15.64 -10.44
C ASP A 87 1.56 -15.55 -10.46
N LYS A 88 1.02 -14.45 -10.15
CA LYS A 88 -0.03 -14.31 -9.16
C LYS A 88 -1.41 -14.53 -9.77
N VAL A 89 -2.27 -15.25 -9.06
CA VAL A 89 -3.64 -15.48 -9.50
C VAL A 89 -4.61 -15.10 -8.40
N THR A 90 -5.86 -14.89 -8.79
CA THR A 90 -6.93 -14.65 -7.83
C THR A 90 -7.17 -15.91 -7.00
N MET A 91 -7.53 -15.70 -5.73
CA MET A 91 -7.81 -16.79 -4.79
C MET A 91 -9.01 -16.36 -3.97
N ASN A 92 -10.19 -16.86 -4.33
CA ASN A 92 -11.44 -16.64 -3.61
C ASN A 92 -11.77 -15.15 -3.55
N GLY A 93 -11.87 -14.53 -4.72
CA GLY A 93 -12.26 -13.15 -4.83
C GLY A 93 -11.19 -12.13 -4.48
N HIS A 94 -10.00 -12.58 -4.10
CA HIS A 94 -8.91 -11.72 -3.69
C HIS A 94 -7.95 -11.65 -4.86
N VAL A 95 -8.01 -10.57 -5.64
CA VAL A 95 -7.26 -10.53 -6.90
C VAL A 95 -5.92 -9.87 -6.59
N PRO A 96 -4.82 -10.38 -7.16
CA PRO A 96 -3.53 -9.76 -6.90
C PRO A 96 -3.45 -8.41 -7.58
N VAL A 97 -2.74 -7.48 -6.95
CA VAL A 97 -2.42 -6.23 -7.63
C VAL A 97 -1.10 -6.33 -8.39
N GLY A 98 -0.20 -7.23 -7.98
CA GLY A 98 1.06 -7.40 -8.69
C GLY A 98 0.91 -8.25 -9.94
N LEU A 99 1.75 -7.94 -10.94
CA LEU A 99 1.72 -8.68 -12.19
C LEU A 99 2.97 -8.50 -13.06
N TYR A 100 3.82 -7.51 -12.77
CA TYR A 100 4.97 -7.25 -13.64
C TYR A 100 6.26 -7.91 -13.17
N GLY A 101 6.32 -8.39 -11.92
CA GLY A 101 7.56 -8.97 -11.41
C GLY A 101 8.69 -7.97 -11.20
N ASN A 102 8.39 -6.72 -10.86
CA ASN A 102 9.40 -5.70 -10.68
C ASN A 102 9.26 -4.90 -9.40
N GLY A 103 8.11 -4.98 -8.73
CA GLY A 103 7.82 -4.07 -7.65
C GLY A 103 8.83 -4.11 -6.52
N PHE A 104 9.35 -5.28 -6.20
CA PHE A 104 10.28 -5.31 -5.08
C PHE A 104 11.65 -4.75 -5.45
N LYS A 105 12.16 -5.07 -6.65
CA LYS A 105 13.47 -4.56 -7.08
C LYS A 105 13.44 -3.04 -7.25
N SER A 106 12.41 -2.52 -7.93
CA SER A 106 12.39 -1.08 -8.14
C SER A 106 12.05 -0.36 -6.85
N GLY A 107 11.17 -0.92 -6.04
CA GLY A 107 10.77 -0.24 -4.81
C GLY A 107 11.90 -0.21 -3.79
N SER A 108 12.43 -1.39 -3.46
CA SER A 108 13.48 -1.45 -2.45
C SER A 108 14.67 -0.58 -2.84
N MET A 109 15.09 -0.64 -4.10
CA MET A 109 16.24 0.15 -4.55
C MET A 109 15.93 1.64 -4.67
N ARG A 110 14.66 2.02 -4.64
CA ARG A 110 14.33 3.44 -4.54
C ARG A 110 14.50 3.95 -3.12
N LEU A 111 14.25 3.11 -2.13
CA LEU A 111 14.33 3.57 -0.75
C LEU A 111 15.77 3.57 -0.26
N GLY A 112 16.56 2.58 -0.65
CA GLY A 112 17.93 2.49 -0.22
C GLY A 112 18.75 1.74 -1.24
N LYS A 113 20.07 1.75 -1.06
CA LYS A 113 20.95 1.02 -1.97
C LYS A 113 21.06 -0.47 -1.63
N ASP A 114 20.59 -0.90 -0.47
CA ASP A 114 20.87 -2.25 -0.02
C ASP A 114 19.66 -2.77 0.74
N ALA A 115 19.32 -4.03 0.49
CA ALA A 115 18.17 -4.66 1.11
C ALA A 115 18.50 -6.11 1.40
N ILE A 116 17.94 -6.62 2.48
CA ILE A 116 18.08 -8.03 2.84
C ILE A 116 16.71 -8.53 3.25
N VAL A 117 16.41 -9.76 2.88
CA VAL A 117 15.10 -10.34 3.15
C VAL A 117 15.28 -11.66 3.89
N PHE A 118 14.61 -11.78 5.03
CA PHE A 118 14.50 -13.01 5.81
C PHE A 118 13.11 -13.57 5.62
N THR A 119 13.01 -14.87 5.35
CA THR A 119 11.70 -15.47 5.09
C THR A 119 11.62 -16.88 5.70
N LYS A 120 10.47 -17.18 6.31
CA LYS A 120 10.12 -18.54 6.76
C LYS A 120 8.80 -18.93 6.12
N ASN A 121 8.75 -20.13 5.55
CA ASN A 121 7.50 -20.68 5.01
C ASN A 121 6.95 -21.84 5.82
N GLY A 122 7.43 -22.00 7.06
CA GLY A 122 7.00 -23.11 7.89
C GLY A 122 7.95 -24.29 7.84
N GLU A 123 8.18 -24.81 6.63
CA GLU A 123 9.04 -25.97 6.42
C GLU A 123 10.50 -25.60 6.11
N SER A 124 10.90 -24.35 6.30
CA SER A 124 12.21 -23.90 5.85
C SER A 124 12.39 -22.42 6.20
N MET A 125 13.60 -21.93 5.99
CA MET A 125 13.99 -20.54 6.22
C MET A 125 15.07 -20.17 5.22
N SER A 126 15.06 -18.93 4.75
CA SER A 126 16.06 -18.45 3.79
C SER A 126 16.30 -16.97 4.02
N VAL A 127 17.46 -16.48 3.57
CA VAL A 127 17.76 -15.05 3.60
C VAL A 127 18.52 -14.69 2.34
N GLY A 128 18.21 -13.51 1.78
CA GLY A 128 18.77 -13.09 0.52
C GLY A 128 19.25 -11.66 0.56
N LEU A 129 20.30 -11.39 -0.21
CA LEU A 129 20.92 -10.07 -0.26
C LEU A 129 20.78 -9.50 -1.66
N LEU A 130 20.28 -8.27 -1.73
CA LEU A 130 20.22 -7.51 -2.97
C LEU A 130 20.80 -6.17 -2.59
N SER A 131 22.05 -5.93 -2.97
CA SER A 131 22.85 -4.90 -2.33
C SER A 131 23.72 -4.23 -3.37
N GLN A 132 23.46 -2.94 -3.61
CA GLN A 132 24.26 -2.17 -4.56
C GLN A 132 25.67 -1.94 -4.03
N THR A 133 25.83 -1.68 -2.74
CA THR A 133 27.19 -1.42 -2.27
C THR A 133 28.02 -2.70 -2.32
N TYR A 134 27.41 -3.85 -2.03
CA TYR A 134 28.11 -5.13 -2.14
C TYR A 134 28.60 -5.35 -3.58
N LEU A 135 27.73 -5.15 -4.55
CA LEU A 135 28.13 -5.34 -5.95
C LEU A 135 29.19 -4.30 -6.37
N GLU A 136 29.20 -3.13 -5.75
CA GLU A 136 30.19 -2.13 -6.10
C GLU A 136 31.55 -2.53 -5.54
N VAL A 137 31.56 -2.95 -4.26
CA VAL A 137 32.77 -3.17 -3.50
C VAL A 137 33.54 -4.40 -4.03
N ILE A 138 32.83 -5.36 -4.66
CA ILE A 138 33.49 -6.51 -5.29
C ILE A 138 33.66 -6.29 -6.79
N LYS A 139 33.30 -5.12 -7.30
CA LYS A 139 33.49 -4.80 -8.72
C LYS A 139 32.80 -5.82 -9.63
N ALA A 140 31.63 -6.29 -9.22
CA ALA A 140 30.88 -7.23 -10.05
C ALA A 140 30.42 -6.56 -11.35
N GLU A 141 30.42 -7.34 -12.43
CA GLU A 141 29.80 -6.88 -13.66
C GLU A 141 28.46 -7.56 -13.93
N HIS A 142 28.03 -8.46 -13.05
CA HIS A 142 26.69 -9.03 -13.06
C HIS A 142 26.07 -8.84 -11.68
N VAL A 143 24.74 -8.82 -11.65
CA VAL A 143 24.03 -8.83 -10.37
C VAL A 143 23.98 -10.26 -9.85
N VAL A 144 24.45 -10.47 -8.63
CA VAL A 144 24.44 -11.78 -7.99
C VAL A 144 23.70 -11.63 -6.68
N VAL A 145 23.03 -12.70 -6.28
CA VAL A 145 22.14 -12.59 -5.13
C VAL A 145 22.47 -13.68 -4.12
N PRO A 146 23.33 -13.39 -3.15
CA PRO A 146 23.62 -14.40 -2.10
C PRO A 146 22.35 -14.83 -1.39
N ILE A 147 22.08 -16.14 -1.46
CA ILE A 147 20.96 -16.75 -0.76
C ILE A 147 21.47 -17.96 0.03
N VAL A 148 21.15 -18.00 1.33
CA VAL A 148 21.43 -19.16 2.17
C VAL A 148 20.14 -19.69 2.78
N ALA A 149 20.04 -21.02 2.80
CA ALA A 149 18.87 -21.75 3.26
C ALA A 149 19.08 -22.36 4.64
N PHE A 150 17.98 -22.50 5.40
CA PHE A 150 17.91 -23.16 6.69
C PHE A 150 16.67 -24.06 6.71
N ASN A 151 16.64 -25.02 7.64
CA ASN A 151 15.50 -25.93 7.78
C ASN A 151 14.76 -25.63 9.09
N LYS A 152 13.74 -26.45 9.38
CA LYS A 152 12.99 -26.29 10.63
C LYS A 152 13.91 -26.23 11.85
N HIS A 153 15.07 -26.89 11.79
CA HIS A 153 15.97 -27.07 12.92
C HIS A 153 17.22 -26.20 12.82
N ARG A 154 17.20 -25.17 11.96
CA ARG A 154 18.27 -24.18 11.86
C ARG A 154 19.60 -24.80 11.42
N GLN A 155 19.56 -25.53 10.30
CA GLN A 155 20.75 -26.12 9.69
C GLN A 155 20.71 -25.82 8.19
N MET A 156 21.89 -25.64 7.59
CA MET A 156 21.97 -25.14 6.23
C MET A 156 21.82 -26.24 5.20
N ILE A 157 20.77 -26.14 4.39
CA ILE A 157 20.59 -27.01 3.23
C ILE A 157 21.36 -26.38 2.07
N ASN A 158 21.31 -27.06 0.91
N ASN A 158 21.35 -26.95 0.87
CA ASN A 158 22.02 -26.60 -0.27
CA ASN A 158 22.05 -26.56 -0.35
C ASN A 158 23.25 -25.86 0.19
C ASN A 158 23.35 -25.83 0.01
N LEU A 159 24.18 -26.59 0.79
CA LEU A 159 25.39 -25.95 1.31
C LEU A 159 26.31 -25.48 0.18
N ALA A 160 26.24 -26.12 -0.98
CA ALA A 160 27.00 -25.76 -2.19
C ALA A 160 27.00 -24.25 -2.39
N GLU A 161 25.85 -23.67 -2.72
CA GLU A 161 25.80 -22.23 -2.88
C GLU A 161 25.58 -21.47 -1.57
N SER A 162 25.37 -22.16 -0.45
CA SER A 162 25.18 -21.48 0.83
C SER A 162 26.49 -21.04 1.48
N LYS A 163 27.63 -21.64 1.10
CA LYS A 163 28.90 -21.30 1.72
C LYS A 163 29.36 -19.92 1.26
N ALA A 164 29.56 -19.76 -0.05
CA ALA A 164 29.97 -18.46 -0.57
C ALA A 164 28.92 -17.40 -0.27
N SER A 165 27.64 -17.78 -0.24
CA SER A 165 26.59 -16.81 0.04
C SER A 165 26.71 -16.29 1.46
N LEU A 166 26.91 -17.20 2.41
CA LEU A 166 27.05 -16.80 3.81
C LEU A 166 28.31 -15.96 4.03
N ALA A 167 29.40 -16.30 3.33
CA ALA A 167 30.59 -15.48 3.42
C ALA A 167 30.32 -14.05 2.97
N ALA A 168 29.66 -13.90 1.82
CA ALA A 168 29.32 -12.56 1.32
C ALA A 168 28.39 -11.85 2.29
N ILE A 169 27.39 -12.54 2.82
CA ILE A 169 26.38 -11.89 3.64
C ILE A 169 26.99 -11.38 4.94
N LEU A 170 27.78 -12.22 5.63
CA LEU A 170 28.34 -11.80 6.91
C LEU A 170 29.33 -10.65 6.74
N GLU A 171 30.12 -10.68 5.65
CA GLU A 171 31.04 -9.58 5.41
C GLU A 171 30.32 -8.31 4.96
N HIS A 172 29.34 -8.43 4.07
CA HIS A 172 28.82 -7.28 3.32
C HIS A 172 27.39 -6.90 3.66
N SER A 173 26.81 -7.42 4.74
CA SER A 173 25.52 -6.95 5.21
C SER A 173 25.70 -6.31 6.58
N LEU A 174 24.58 -5.96 7.22
CA LEU A 174 24.62 -5.33 8.54
C LEU A 174 24.92 -6.30 9.67
N PHE A 175 24.92 -7.60 9.40
CA PHE A 175 25.09 -8.61 10.44
C PHE A 175 26.48 -9.20 10.31
N SER A 176 27.31 -8.97 11.33
CA SER A 176 28.70 -9.41 11.30
C SER A 176 28.79 -10.92 11.44
N THR A 177 27.84 -11.52 12.15
CA THR A 177 27.94 -12.89 12.63
C THR A 177 26.68 -13.68 12.26
N GLU A 178 26.76 -15.00 12.44
CA GLU A 178 25.68 -15.88 12.02
C GLU A 178 24.49 -15.84 12.96
N GLN A 179 24.69 -15.67 14.26
CA GLN A 179 23.55 -15.65 15.16
C GLN A 179 22.88 -14.28 15.22
N LYS A 180 23.61 -13.20 14.96
CA LYS A 180 22.96 -11.90 14.71
C LYS A 180 22.00 -12.00 13.54
N LEU A 181 22.41 -12.72 12.50
CA LEU A 181 21.57 -12.89 11.32
C LEU A 181 20.39 -13.79 11.62
N LEU A 182 20.63 -14.91 12.29
CA LEU A 182 19.51 -15.75 12.70
C LEU A 182 18.65 -15.08 13.77
N ALA A 183 19.13 -14.00 14.38
CA ALA A 183 18.29 -13.23 15.29
C ALA A 183 17.16 -12.52 14.55
N GLU A 184 17.40 -12.08 13.31
CA GLU A 184 16.33 -11.48 12.51
C GLU A 184 15.27 -12.52 12.16
N LEU A 185 15.68 -13.75 11.81
CA LEU A 185 14.72 -14.80 11.51
C LEU A 185 13.77 -15.04 12.66
N ASP A 186 14.20 -14.76 13.90
CA ASP A 186 13.33 -14.92 15.05
C ASP A 186 12.45 -13.71 15.30
N ALA A 187 12.79 -12.54 14.74
CA ALA A 187 11.91 -11.36 14.79
C ALA A 187 10.65 -11.55 13.97
N ILE A 188 10.63 -12.52 13.06
CA ILE A 188 9.40 -13.03 12.45
C ILE A 188 8.75 -13.92 13.50
N ILE A 189 7.73 -13.40 14.16
CA ILE A 189 7.13 -13.99 15.36
C ILE A 189 6.69 -15.44 15.13
N GLY A 190 5.65 -15.65 14.32
CA GLY A 190 5.05 -16.96 14.14
C GLY A 190 5.90 -17.88 13.27
N LYS A 191 5.24 -18.97 12.83
CA LYS A 191 5.91 -20.01 12.04
C LYS A 191 6.22 -19.55 10.61
N LYS A 192 5.37 -18.69 10.04
CA LYS A 192 5.50 -18.24 8.65
C LYS A 192 5.60 -16.73 8.64
N GLY A 193 6.36 -16.20 7.69
CA GLY A 193 6.44 -14.76 7.54
C GLY A 193 7.69 -14.34 6.80
N THR A 194 7.88 -13.04 6.74
CA THR A 194 9.05 -12.50 6.06
C THR A 194 9.35 -11.09 6.57
N ARG A 195 10.61 -10.71 6.45
CA ARG A 195 11.12 -9.48 7.03
C ARG A 195 12.15 -8.90 6.07
N ILE A 196 11.97 -7.63 5.74
CA ILE A 196 12.85 -6.95 4.79
C ILE A 196 13.47 -5.78 5.52
N ILE A 197 14.78 -5.63 5.37
CA ILE A 197 15.53 -4.55 6.00
C ILE A 197 16.24 -3.81 4.89
N ILE A 198 16.05 -2.49 4.84
CA ILE A 198 16.64 -1.62 3.82
C ILE A 198 17.49 -0.57 4.53
N TRP A 199 18.71 -0.38 4.06
CA TRP A 199 19.60 0.61 4.65
C TRP A 199 20.40 1.26 3.53
N ASN A 200 21.24 2.21 3.94
CA ASN A 200 21.80 3.21 3.03
C ASN A 200 20.67 3.94 2.31
N LEU A 201 19.75 4.50 3.10
CA LEU A 201 18.61 5.22 2.59
C LEU A 201 19.07 6.39 1.72
N ARG A 202 18.14 6.97 0.99
CA ARG A 202 18.46 8.14 0.18
C ARG A 202 18.61 9.35 1.08
N SER A 203 19.70 10.10 0.89
CA SER A 203 19.98 11.29 1.67
C SER A 203 20.02 12.51 0.76
N TYR A 204 19.93 13.68 1.36
CA TYR A 204 20.10 14.90 0.57
C TYR A 204 21.48 15.49 0.84
N LYS A 205 21.62 16.26 1.90
CA LYS A 205 22.97 16.61 2.34
C LYS A 205 23.48 15.55 3.30
N ASN A 206 23.06 15.65 4.55
CA ASN A 206 23.38 14.68 5.58
C ASN A 206 22.23 13.70 5.80
N ALA A 207 21.07 14.22 6.20
CA ALA A 207 19.99 13.40 6.71
C ALA A 207 19.19 12.79 5.57
N THR A 208 18.27 11.91 5.98
CA THR A 208 17.52 11.07 5.05
C THR A 208 16.47 11.88 4.31
N GLU A 209 15.98 11.29 3.21
CA GLU A 209 14.91 11.91 2.44
C GLU A 209 13.60 11.94 3.23
N PHE A 210 13.44 11.03 4.18
CA PHE A 210 12.26 11.04 5.02
C PHE A 210 12.52 11.83 6.30
N ASP A 211 11.41 12.18 6.95
CA ASP A 211 11.36 12.89 8.22
C ASP A 211 10.77 11.93 9.26
N PHE A 212 11.63 11.33 10.09
CA PHE A 212 11.16 10.45 11.15
C PHE A 212 10.93 11.17 12.48
N GLU A 213 11.49 12.37 12.65
CA GLU A 213 11.46 13.01 13.96
C GLU A 213 10.22 13.87 14.17
N LYS A 214 9.63 14.40 13.09
CA LYS A 214 8.49 15.31 13.23
C LYS A 214 7.31 14.62 13.90
N ASP A 215 7.16 13.32 13.70
CA ASP A 215 6.07 12.54 14.31
C ASP A 215 6.59 11.14 14.56
N LYS A 216 6.66 10.74 15.83
CA LYS A 216 7.26 9.46 16.18
C LYS A 216 6.48 8.27 15.60
N TYR A 217 5.23 8.48 15.18
CA TYR A 217 4.38 7.40 14.70
C TYR A 217 4.15 7.44 13.19
N ASP A 218 4.90 8.25 12.46
CA ASP A 218 4.66 8.47 11.04
C ASP A 218 6.01 8.52 10.36
N ILE A 219 5.98 8.35 9.04
CA ILE A 219 7.09 8.74 8.17
C ILE A 219 6.56 9.86 7.29
N ARG A 220 7.28 10.99 7.25
N ARG A 220 7.27 10.98 7.26
CA ARG A 220 6.81 12.15 6.52
CA ARG A 220 6.80 12.14 6.51
C ARG A 220 7.84 12.59 5.49
C ARG A 220 7.84 12.57 5.48
N ILE A 221 7.37 13.31 4.49
CA ILE A 221 8.23 13.94 3.49
C ILE A 221 8.38 15.41 3.87
N PRO A 222 9.61 15.94 3.96
CA PRO A 222 9.81 17.34 4.32
C PRO A 222 9.15 18.30 3.34
N LYS A 235 3.44 18.26 -1.20
CA LYS A 235 2.90 18.85 -2.44
C LYS A 235 3.53 18.21 -3.70
N LYS A 236 2.70 17.61 -4.56
CA LYS A 236 3.12 17.12 -5.88
C LYS A 236 2.18 17.63 -6.96
N GLN A 237 2.68 17.66 -8.19
CA GLN A 237 1.91 17.96 -9.40
C GLN A 237 1.39 19.39 -9.46
N GLU A 238 1.29 20.07 -8.32
CA GLU A 238 0.55 21.34 -8.22
C GLU A 238 1.45 22.58 -8.09
N GLN A 242 -3.22 24.56 -5.23
CA GLN A 242 -4.02 24.11 -4.09
C GLN A 242 -3.05 23.76 -2.91
N ILE A 243 -3.63 23.37 -1.76
CA ILE A 243 -2.96 22.82 -0.58
C ILE A 243 -2.71 21.33 -0.81
N ALA A 244 -1.63 20.80 -0.26
CA ALA A 244 -1.36 19.37 -0.42
C ALA A 244 -2.27 18.55 0.50
N PRO A 245 -2.96 17.52 -0.01
CA PRO A 245 -3.60 16.54 0.88
C PRO A 245 -2.55 15.84 1.74
N GLU A 246 -2.97 15.46 2.95
CA GLU A 246 -2.03 14.83 3.87
C GLU A 246 -1.35 13.62 3.26
N SER A 247 -2.05 12.91 2.35
CA SER A 247 -1.49 11.68 1.81
C SER A 247 -0.31 11.92 0.88
N ASP A 248 -0.08 13.16 0.44
CA ASP A 248 1.12 13.45 -0.32
C ASP A 248 2.38 13.44 0.55
N TYR A 249 2.26 13.71 1.86
CA TYR A 249 3.45 13.82 2.68
C TYR A 249 3.43 13.01 3.96
N SER A 250 2.31 12.38 4.30
CA SER A 250 2.21 11.53 5.48
C SER A 250 1.96 10.08 5.04
N LEU A 251 2.92 9.20 5.29
CA LEU A 251 2.71 7.78 5.06
C LEU A 251 1.48 7.27 5.81
N ARG A 252 1.27 7.75 7.04
CA ARG A 252 0.07 7.33 7.77
C ARG A 252 -1.20 7.72 7.01
N ALA A 253 -1.25 8.95 6.48
CA ALA A 253 -2.44 9.34 5.72
C ALA A 253 -2.57 8.51 4.42
N TYR A 254 -1.45 8.22 3.75
CA TYR A 254 -1.51 7.48 2.49
C TYR A 254 -1.97 6.04 2.72
N CYS A 255 -1.40 5.37 3.72
CA CYS A 255 -1.84 4.03 4.05
C CYS A 255 -3.33 3.99 4.36
N SER A 256 -3.89 5.06 4.93
CA SER A 256 -5.27 4.94 5.34
C SER A 256 -6.25 4.92 4.17
N ILE A 257 -5.82 5.29 2.95
CA ILE A 257 -6.72 5.29 1.80
C ILE A 257 -6.19 4.40 0.68
N LEU A 258 -5.09 3.67 0.93
CA LEU A 258 -4.42 2.92 -0.13
C LEU A 258 -5.33 1.83 -0.70
N TYR A 259 -6.19 1.25 0.12
CA TYR A 259 -7.03 0.13 -0.29
C TYR A 259 -8.50 0.50 -0.14
N LEU A 260 -9.29 0.24 -1.20
CA LEU A 260 -10.70 0.60 -1.20
C LEU A 260 -11.44 -0.13 -0.08
N LYS A 261 -11.31 -1.45 -0.05
CA LYS A 261 -11.81 -2.29 1.04
C LYS A 261 -10.61 -3.04 1.63
N PRO A 262 -10.03 -2.56 2.73
CA PRO A 262 -8.78 -3.16 3.22
C PRO A 262 -9.02 -4.53 3.83
N ARG A 263 -8.04 -5.41 3.67
CA ARG A 263 -8.04 -6.68 4.40
C ARG A 263 -6.89 -6.62 5.41
N MET A 264 -5.68 -6.91 4.94
CA MET A 264 -4.51 -6.86 5.80
C MET A 264 -4.40 -5.51 6.50
N GLN A 265 -3.91 -5.54 7.73
CA GLN A 265 -3.73 -4.36 8.56
C GLN A 265 -2.29 -3.86 8.49
N ILE A 266 -2.12 -2.56 8.68
CA ILE A 266 -0.82 -1.93 8.57
C ILE A 266 -0.50 -1.33 9.91
N ILE A 267 0.61 -1.75 10.50
CA ILE A 267 1.11 -1.16 11.74
C ILE A 267 2.36 -0.37 11.39
N LEU A 268 2.30 0.94 11.58
CA LEU A 268 3.37 1.86 11.21
C LEU A 268 4.05 2.38 12.48
N ARG A 269 5.33 2.08 12.63
CA ARG A 269 6.10 2.45 13.82
C ARG A 269 5.36 2.10 15.11
N GLY A 270 4.82 0.89 15.19
CA GLY A 270 4.15 0.41 16.39
C GLY A 270 2.70 0.83 16.57
N GLN A 271 2.19 1.83 15.84
CA GLN A 271 0.79 2.25 15.97
C GLN A 271 0.01 1.86 14.72
N LYS A 272 -1.06 1.06 14.90
CA LYS A 272 -1.88 0.60 13.80
C LYS A 272 -2.43 1.79 13.00
N VAL A 273 -2.44 1.65 11.68
CA VAL A 273 -3.04 2.66 10.80
C VAL A 273 -4.55 2.46 10.76
N LYS A 274 -5.30 3.53 11.02
CA LYS A 274 -6.75 3.46 10.89
C LYS A 274 -7.14 3.42 9.42
N THR A 275 -6.92 2.28 8.75
CA THR A 275 -7.42 2.11 7.40
C THR A 275 -8.94 2.21 7.42
N GLN A 276 -9.55 2.60 6.31
CA GLN A 276 -11.00 2.71 6.31
C GLN A 276 -11.65 2.08 5.09
N LEU A 277 -12.96 1.84 5.19
CA LEU A 277 -13.77 1.43 4.06
C LEU A 277 -14.00 2.73 3.37
N VAL A 278 -13.19 3.05 2.39
CA VAL A 278 -13.23 4.35 1.75
C VAL A 278 -14.60 4.68 1.18
N SER A 279 -15.30 3.70 0.62
CA SER A 279 -16.62 3.99 0.08
C SER A 279 -17.64 4.34 1.15
N LYS A 280 -17.30 4.21 2.44
CA LYS A 280 -18.22 4.54 3.53
C LYS A 280 -17.79 5.76 4.32
N SER A 281 -16.68 6.40 3.96
CA SER A 281 -16.13 7.47 4.80
C SER A 281 -16.75 8.83 4.51
N LEU A 282 -17.83 8.92 3.76
CA LEU A 282 -18.38 10.18 3.28
C LEU A 282 -19.75 10.44 3.91
N ALA A 283 -20.19 11.69 3.81
CA ALA A 283 -21.51 12.11 4.24
C ALA A 283 -22.38 12.37 3.00
N TYR A 284 -23.69 12.24 3.17
CA TYR A 284 -24.67 12.53 2.12
C TYR A 284 -24.41 11.69 0.88
N ILE A 285 -24.21 10.40 1.08
CA ILE A 285 -23.74 9.52 0.02
C ILE A 285 -24.87 9.26 -0.97
N GLU A 286 -24.57 9.40 -2.26
CA GLU A 286 -25.45 8.91 -3.30
C GLU A 286 -24.67 7.91 -4.12
N ARG A 287 -25.31 6.80 -4.43
CA ARG A 287 -24.72 5.77 -5.26
C ARG A 287 -25.30 5.91 -6.66
N ASP A 288 -24.43 5.95 -7.67
CA ASP A 288 -24.83 5.98 -9.08
C ASP A 288 -24.05 4.91 -9.85
N VAL A 289 -24.33 4.77 -11.14
CA VAL A 289 -23.53 3.88 -11.97
C VAL A 289 -23.15 4.61 -13.26
N TYR A 290 -22.02 4.22 -13.80
CA TYR A 290 -21.51 4.73 -15.06
C TYR A 290 -21.71 3.64 -16.11
N ARG A 291 -22.32 4.02 -17.24
CA ARG A 291 -22.63 3.10 -18.33
C ARG A 291 -21.85 3.48 -19.57
N PRO A 292 -20.53 3.29 -19.58
CA PRO A 292 -19.76 3.66 -20.77
C PRO A 292 -20.20 2.84 -21.97
N LYS A 293 -20.20 3.48 -23.14
CA LYS A 293 -20.56 2.78 -24.38
C LYS A 293 -19.45 1.86 -24.87
N PHE A 294 -18.19 2.19 -24.58
CA PHE A 294 -17.09 1.35 -25.05
C PHE A 294 -16.97 0.04 -24.28
N LEU A 295 -17.92 -0.28 -23.41
CA LEU A 295 -17.75 -1.43 -22.52
C LEU A 295 -19.14 -1.87 -22.07
N SER A 296 -19.42 -3.16 -22.13
CA SER A 296 -20.77 -3.63 -21.85
C SER A 296 -20.95 -4.03 -20.38
N LYS A 297 -20.37 -3.27 -19.46
CA LYS A 297 -20.52 -3.46 -18.02
C LYS A 297 -21.00 -2.15 -17.42
N THR A 298 -21.57 -2.22 -16.23
CA THR A 298 -21.83 -0.99 -15.52
C THR A 298 -20.80 -0.85 -14.40
N VAL A 299 -20.50 0.40 -14.06
CA VAL A 299 -19.45 0.71 -13.10
C VAL A 299 -20.05 1.50 -11.94
N ARG A 300 -19.83 1.01 -10.73
CA ARG A 300 -20.32 1.66 -9.51
C ARG A 300 -19.61 2.98 -9.23
N ILE A 301 -20.38 3.99 -8.84
CA ILE A 301 -19.81 5.26 -8.40
C ILE A 301 -20.52 5.70 -7.13
N THR A 302 -19.75 6.29 -6.22
CA THR A 302 -20.23 6.84 -4.96
C THR A 302 -19.76 8.28 -4.84
N PHE A 303 -20.71 9.17 -4.56
CA PHE A 303 -20.43 10.57 -4.31
C PHE A 303 -20.88 10.92 -2.90
N GLY A 304 -20.15 11.84 -2.29
CA GLY A 304 -20.55 12.39 -1.02
C GLY A 304 -19.61 13.51 -0.65
N PHE A 305 -19.72 13.97 0.59
CA PHE A 305 -18.87 15.06 1.07
C PHE A 305 -17.84 14.53 2.04
N ASN A 306 -16.61 15.01 1.86
CA ASN A 306 -15.55 14.78 2.82
C ASN A 306 -16.01 15.30 4.18
N CYS A 307 -15.70 14.55 5.23
CA CYS A 307 -16.08 14.95 6.58
C CYS A 307 -14.96 15.64 7.34
N ARG A 308 -13.71 15.31 7.01
CA ARG A 308 -12.54 15.78 7.73
C ARG A 308 -12.20 17.22 7.34
N ASN A 309 -11.91 17.46 6.06
CA ASN A 309 -11.30 18.72 5.63
C ASN A 309 -11.92 19.06 4.28
N LYS A 310 -12.83 20.04 4.28
CA LYS A 310 -13.51 20.39 3.03
C LYS A 310 -12.56 20.79 1.89
N ASP A 311 -11.25 20.86 2.16
CA ASP A 311 -10.29 21.26 1.14
C ASP A 311 -9.70 20.11 0.33
N HIS A 312 -10.01 18.86 0.66
CA HIS A 312 -9.50 17.69 -0.05
C HIS A 312 -10.68 17.00 -0.71
N TYR A 313 -10.84 17.22 -2.02
CA TYR A 313 -12.00 16.75 -2.74
C TYR A 313 -11.60 16.39 -4.17
N GLY A 314 -12.56 15.87 -4.93
CA GLY A 314 -12.29 15.29 -6.22
C GLY A 314 -12.53 13.78 -6.19
N ILE A 315 -12.10 13.13 -7.27
CA ILE A 315 -12.38 11.71 -7.46
C ILE A 315 -11.22 10.90 -6.90
N MET A 316 -11.52 9.85 -6.13
CA MET A 316 -10.58 8.77 -5.81
C MET A 316 -10.76 7.61 -6.77
N MET A 317 -9.69 7.22 -7.45
CA MET A 317 -9.77 6.22 -8.50
C MET A 317 -8.97 5.01 -8.07
N TYR A 318 -9.64 3.85 -8.02
CA TYR A 318 -9.03 2.62 -7.58
C TYR A 318 -8.96 1.62 -8.75
N HIS A 319 -8.06 0.67 -8.64
CA HIS A 319 -7.89 -0.39 -9.64
C HIS A 319 -7.52 -1.65 -8.89
N ARG A 320 -8.36 -2.69 -8.98
CA ARG A 320 -8.15 -3.94 -8.27
C ARG A 320 -7.93 -3.67 -6.78
N ASN A 321 -8.78 -2.81 -6.21
CA ASN A 321 -8.85 -2.49 -4.80
C ASN A 321 -7.70 -1.58 -4.37
N ARG A 322 -6.85 -1.13 -5.29
CA ARG A 322 -5.68 -0.33 -4.96
C ARG A 322 -5.79 1.10 -5.49
N LEU A 323 -5.37 2.08 -4.70
CA LEU A 323 -5.55 3.48 -5.07
C LEU A 323 -4.53 3.87 -6.12
N ILE A 324 -5.00 4.49 -7.19
CA ILE A 324 -4.17 4.92 -8.31
C ILE A 324 -4.02 6.44 -8.33
N LYS A 325 -5.14 7.16 -8.20
CA LYS A 325 -5.18 8.62 -8.28
C LYS A 325 -6.11 9.11 -7.19
N ALA A 326 -5.68 10.11 -6.43
CA ALA A 326 -6.51 10.67 -5.38
C ALA A 326 -6.79 12.14 -5.64
N TYR A 327 -8.02 12.57 -5.33
CA TYR A 327 -8.37 14.00 -5.35
C TYR A 327 -8.15 14.60 -6.74
N GLU A 328 -8.64 13.90 -7.75
CA GLU A 328 -8.62 14.42 -9.10
C GLU A 328 -9.88 15.24 -9.30
N LYS A 329 -9.71 16.55 -9.56
CA LYS A 329 -10.87 17.41 -9.74
C LYS A 329 -11.49 17.19 -11.12
N VAL A 330 -12.82 17.16 -11.16
CA VAL A 330 -13.55 16.91 -12.40
C VAL A 330 -14.75 17.86 -12.45
N GLY A 331 -15.42 17.87 -13.61
CA GLY A 331 -16.59 18.71 -13.81
C GLY A 331 -16.32 20.15 -13.42
N CYS A 332 -17.30 20.74 -12.72
CA CYS A 332 -17.22 22.13 -12.27
C CYS A 332 -16.06 22.40 -11.32
N GLN A 333 -15.46 21.37 -10.73
CA GLN A 333 -14.32 21.61 -9.84
C GLN A 333 -13.09 22.08 -10.60
N LEU A 334 -13.06 21.90 -11.93
CA LEU A 334 -11.95 22.41 -12.75
C LEU A 334 -12.15 23.87 -13.12
N ARG A 335 -13.41 24.30 -13.31
CA ARG A 335 -13.69 25.68 -13.71
C ARG A 335 -13.18 26.68 -12.68
N ALA A 336 -13.51 26.49 -11.40
CA ALA A 336 -13.04 27.40 -10.38
C ALA A 336 -13.12 26.69 -9.03
N ASN A 337 -12.45 27.29 -8.03
CA ASN A 337 -12.48 26.80 -6.66
C ASN A 337 -13.73 27.23 -5.89
N ASN A 338 -14.81 27.61 -6.58
CA ASN A 338 -16.07 27.90 -5.90
C ASN A 338 -17.06 26.76 -5.99
N MET A 339 -16.85 25.80 -6.89
CA MET A 339 -17.86 24.83 -7.22
C MET A 339 -17.40 23.41 -6.92
N GLY A 340 -18.33 22.60 -6.43
CA GLY A 340 -18.07 21.22 -6.05
C GLY A 340 -17.07 21.06 -4.92
N VAL A 341 -16.84 22.14 -4.14
CA VAL A 341 -15.93 22.04 -3.01
C VAL A 341 -16.50 21.06 -2.00
N GLY A 342 -15.63 20.20 -1.48
CA GLY A 342 -16.04 19.15 -0.56
C GLY A 342 -16.50 17.86 -1.21
N VAL A 343 -16.79 17.87 -2.52
CA VAL A 343 -17.42 16.70 -3.14
C VAL A 343 -16.34 15.69 -3.51
N VAL A 344 -16.48 14.48 -2.99
CA VAL A 344 -15.57 13.38 -3.29
C VAL A 344 -16.37 12.37 -4.10
N GLY A 345 -15.72 11.76 -5.08
CA GLY A 345 -16.30 10.65 -5.81
C GLY A 345 -15.36 9.48 -5.70
N ILE A 346 -15.91 8.27 -5.71
CA ILE A 346 -15.09 7.08 -5.57
C ILE A 346 -15.50 6.09 -6.64
N ILE A 347 -14.53 5.65 -7.42
CA ILE A 347 -14.79 4.72 -8.52
C ILE A 347 -13.64 3.74 -8.62
N GLU A 348 -13.96 2.49 -8.90
CA GLU A 348 -12.93 1.51 -9.24
C GLU A 348 -12.97 1.24 -10.74
N CYS A 349 -11.88 1.53 -11.43
CA CYS A 349 -11.84 1.47 -12.89
C CYS A 349 -10.92 0.34 -13.33
N ASN A 350 -11.42 -0.90 -13.25
CA ASN A 350 -10.63 -2.03 -13.73
C ASN A 350 -10.52 -2.07 -15.25
N PHE A 351 -11.29 -1.26 -15.97
CA PHE A 351 -11.14 -1.21 -17.42
C PHE A 351 -10.04 -0.25 -17.88
N LEU A 352 -9.49 0.57 -16.98
CA LEU A 352 -8.40 1.46 -17.34
C LEU A 352 -7.05 0.79 -17.05
N LYS A 353 -5.98 1.36 -17.62
CA LYS A 353 -4.65 0.75 -17.49
C LYS A 353 -3.78 1.55 -16.53
N PRO A 354 -3.47 1.03 -15.34
CA PRO A 354 -2.54 1.73 -14.46
C PRO A 354 -1.17 1.82 -15.11
N THR A 355 -0.52 2.95 -14.91
CA THR A 355 0.86 3.15 -15.34
C THR A 355 1.63 3.86 -14.23
N HIS A 356 2.94 4.01 -14.44
CA HIS A 356 3.83 4.76 -13.54
C HIS A 356 3.82 4.15 -12.13
N ASN A 357 4.06 2.83 -12.05
CA ASN A 357 4.05 2.13 -10.76
C ASN A 357 2.74 2.37 -10.02
N LYS A 358 1.63 2.21 -10.75
CA LYS A 358 0.28 2.25 -10.18
C LYS A 358 0.03 3.56 -9.44
N GLN A 359 0.47 4.66 -10.07
CA GLN A 359 0.20 6.01 -9.61
C GLN A 359 -0.51 6.85 -10.67
N ASP A 360 -0.86 6.28 -11.81
CA ASP A 360 -1.58 7.02 -12.85
C ASP A 360 -2.24 6.01 -13.78
N PHE A 361 -3.08 6.52 -14.67
CA PHE A 361 -3.71 5.71 -15.72
C PHE A 361 -3.15 6.13 -17.08
N ASP A 362 -3.08 5.16 -17.99
CA ASP A 362 -2.74 5.51 -19.36
C ASP A 362 -3.74 6.52 -19.90
N TYR A 363 -3.24 7.59 -20.50
CA TYR A 363 -4.10 8.69 -20.92
C TYR A 363 -4.78 8.36 -22.27
N THR A 364 -5.71 7.39 -22.22
CA THR A 364 -6.39 6.91 -23.41
C THR A 364 -7.70 7.66 -23.65
N ASN A 365 -8.40 7.27 -24.71
CA ASN A 365 -9.71 7.84 -24.96
C ASN A 365 -10.72 7.39 -23.91
N GLU A 366 -10.69 6.11 -23.54
CA GLU A 366 -11.54 5.63 -22.46
C GLU A 366 -11.29 6.40 -21.18
N TYR A 367 -10.03 6.71 -20.87
CA TYR A 367 -9.78 7.57 -19.73
C TYR A 367 -10.49 8.91 -19.88
N ARG A 368 -10.39 9.53 -21.06
CA ARG A 368 -10.94 10.87 -21.22
C ARG A 368 -12.46 10.86 -21.13
N LEU A 369 -13.10 9.82 -21.67
CA LEU A 369 -14.56 9.74 -21.58
C LEU A 369 -15.01 9.48 -20.14
N THR A 370 -14.30 8.62 -19.42
CA THR A 370 -14.61 8.39 -18.01
C THR A 370 -14.50 9.67 -17.20
N ILE A 371 -13.42 10.44 -17.40
CA ILE A 371 -13.26 11.70 -16.69
C ILE A 371 -14.41 12.66 -17.03
N THR A 372 -14.84 12.66 -18.28
CA THR A 372 -15.93 13.55 -18.69
C THR A 372 -17.24 13.10 -18.07
N ALA A 373 -17.54 11.79 -18.11
CA ALA A 373 -18.76 11.32 -17.47
C ALA A 373 -18.72 11.55 -15.96
N LEU A 374 -17.59 11.28 -15.31
CA LEU A 374 -17.49 11.53 -13.88
C LEU A 374 -17.82 12.99 -13.57
N GLY A 375 -17.36 13.90 -14.43
CA GLY A 375 -17.57 15.32 -14.19
C GLY A 375 -19.04 15.70 -14.27
N GLU A 376 -19.75 15.15 -15.23
CA GLU A 376 -21.16 15.50 -15.34
C GLU A 376 -21.99 14.87 -14.22
N LYS A 377 -21.66 13.64 -13.82
CA LYS A 377 -22.32 13.07 -12.65
C LYS A 377 -21.97 13.86 -11.39
N LEU A 378 -20.73 14.31 -11.28
CA LEU A 378 -20.39 15.12 -10.13
C LEU A 378 -21.24 16.39 -10.11
N ASN A 379 -21.36 17.06 -11.26
CA ASN A 379 -22.16 18.28 -11.35
C ASN A 379 -23.60 18.02 -10.93
N ASP A 380 -24.21 16.93 -11.44
CA ASP A 380 -25.60 16.63 -11.10
C ASP A 380 -25.76 16.33 -9.62
N TYR A 381 -24.76 15.69 -9.01
CA TYR A 381 -24.85 15.40 -7.59
C TYR A 381 -24.80 16.69 -6.78
N TRP A 382 -23.90 17.60 -7.15
CA TRP A 382 -23.66 18.82 -6.39
C TRP A 382 -24.86 19.76 -6.48
N ASN A 383 -25.39 19.96 -7.69
CA ASN A 383 -26.59 20.78 -7.84
C ASN A 383 -27.77 20.15 -7.11
N GLU A 384 -27.91 18.83 -7.19
CA GLU A 384 -28.97 18.16 -6.44
C GLU A 384 -28.80 18.38 -4.94
N MET A 385 -27.56 18.38 -4.45
CA MET A 385 -27.33 18.52 -3.02
C MET A 385 -27.60 19.95 -2.56
N LYS A 386 -27.18 20.94 -3.34
CA LYS A 386 -27.55 22.32 -3.06
C LYS A 386 -29.06 22.48 -2.93
N VAL A 387 -29.82 21.82 -3.80
CA VAL A 387 -31.29 21.91 -3.74
C VAL A 387 -31.82 21.23 -2.47
N LYS A 388 -31.34 20.01 -2.20
CA LYS A 388 -31.78 19.28 -1.00
C LYS A 388 -31.43 20.06 0.26
N LYS A 389 -30.24 20.68 0.29
CA LYS A 389 -29.84 21.46 1.45
C LYS A 389 -30.79 22.64 1.64
N ASN A 390 -31.22 23.26 0.55
CA ASN A 390 -32.05 24.45 0.62
C ASN A 390 -33.46 24.18 1.13
N THR A 391 -33.85 22.92 1.31
CA THR A 391 -35.14 22.63 1.94
C THR A 391 -35.03 22.49 3.46
N GLU A 392 -33.82 22.47 4.02
CA GLU A 392 -33.63 22.33 5.47
C GLU A 392 -32.86 23.48 6.10
N TYR A 393 -31.81 23.96 5.46
CA TYR A 393 -30.91 24.98 5.99
C TYR A 393 -31.16 26.32 5.31
N PRO A 394 -30.59 27.41 5.85
CA PRO A 394 -30.68 28.70 5.17
C PRO A 394 -30.10 28.68 3.76
N LEU A 395 -30.65 29.54 2.89
CA LEU A 395 -30.29 29.50 1.47
C LEU A 395 -28.87 30.01 1.20
N ASN A 396 -28.38 30.99 1.96
CA ASN A 396 -27.03 31.51 1.75
C ASN A 396 -25.98 30.72 2.55
N LEU A 397 -26.36 29.62 3.19
CA LEU A 397 -25.44 28.73 3.89
C LEU A 397 -24.91 27.69 2.90
N PRO A 398 -23.62 27.71 2.55
CA PRO A 398 -23.12 26.74 1.55
C PRO A 398 -22.99 25.34 2.13
N VAL A 399 -23.43 24.34 1.35
CA VAL A 399 -23.44 22.96 1.81
C VAL A 399 -22.04 22.50 2.18
N GLU A 400 -21.02 23.04 1.50
CA GLU A 400 -19.61 22.87 1.80
C GLU A 400 -19.33 23.03 3.29
N ASP A 401 -20.13 23.87 3.96
CA ASP A 401 -19.82 24.39 5.30
C ASP A 401 -20.57 23.70 6.43
N ILE A 402 -21.71 23.05 6.17
CA ILE A 402 -22.37 22.26 7.21
C ILE A 402 -21.38 21.26 7.77
N GLN A 403 -21.34 21.14 9.09
CA GLN A 403 -20.53 20.09 9.71
C GLN A 403 -21.13 18.73 9.44
N LYS A 404 -20.26 17.76 9.16
CA LYS A 404 -20.70 16.45 8.71
C LYS A 404 -19.89 15.35 9.38
N ARG A 405 -20.54 14.22 9.63
CA ARG A 405 -19.88 12.97 9.98
C ARG A 405 -20.28 11.87 8.99
N PRO A 406 -19.52 10.78 8.89
CA PRO A 406 -19.88 9.71 7.94
C PRO A 406 -21.32 9.24 8.13
N ASP A 407 -22.02 9.08 7.01
CA ASP A 407 -23.37 8.48 7.06
C ASP A 407 -23.39 7.19 7.88
N GLN A 408 -22.45 6.29 7.63
CA GLN A 408 -22.29 5.06 8.39
C GLN A 408 -20.83 4.91 8.79
N THR A 409 -20.60 4.42 10.00
CA THR A 409 -19.28 4.12 10.49
C THR A 409 -19.09 2.61 10.48
N TRP A 410 -18.02 2.16 9.84
CA TRP A 410 -17.69 0.76 9.74
C TRP A 410 -16.35 0.55 10.37
N VAL A 411 -16.19 -0.57 11.08
CA VAL A 411 -14.94 -0.84 11.75
C VAL A 411 -14.52 -2.25 11.39
N GLN A 412 -13.21 -2.45 11.34
CA GLN A 412 -12.64 -3.75 11.07
C GLN A 412 -12.36 -4.51 12.37
N CYS A 413 -12.89 -5.74 12.45
CA CYS A 413 -12.49 -6.65 13.52
C CYS A 413 -10.99 -6.90 13.46
N ASP A 414 -10.34 -6.81 14.62
CA ASP A 414 -8.90 -7.04 14.67
C ASP A 414 -8.54 -8.51 14.70
N ALA A 415 -9.49 -9.39 14.97
CA ALA A 415 -9.21 -10.81 14.94
C ALA A 415 -9.42 -11.38 13.54
N CYS A 416 -10.61 -11.20 12.95
CA CYS A 416 -10.94 -11.85 11.68
C CYS A 416 -10.87 -10.92 10.47
N LEU A 417 -10.62 -9.62 10.66
CA LEU A 417 -10.48 -8.61 9.61
C LEU A 417 -11.77 -8.36 8.81
N LYS A 418 -12.91 -8.89 9.21
CA LYS A 418 -14.16 -8.49 8.58
C LYS A 418 -14.51 -7.04 8.95
N TRP A 419 -15.31 -6.41 8.09
CA TRP A 419 -15.78 -5.05 8.33
C TRP A 419 -17.21 -5.09 8.88
N ARG A 420 -17.47 -4.29 9.91
CA ARG A 420 -18.78 -4.30 10.55
C ARG A 420 -19.37 -2.91 10.60
N LYS A 421 -20.67 -2.82 10.41
CA LYS A 421 -21.34 -1.54 10.44
C LYS A 421 -21.72 -1.27 11.88
N LEU A 422 -21.36 -0.08 12.39
CA LEU A 422 -21.75 0.31 13.74
C LEU A 422 -22.97 1.19 13.71
N PRO A 423 -23.76 1.16 14.77
CA PRO A 423 -24.87 2.12 14.91
C PRO A 423 -24.34 3.54 15.01
N ASP A 424 -25.23 4.47 14.65
CA ASP A 424 -24.85 5.88 14.60
C ASP A 424 -24.39 6.39 15.97
N GLY A 425 -23.56 7.44 15.94
CA GLY A 425 -23.18 8.14 17.13
C GLY A 425 -21.87 7.72 17.77
N MET A 426 -21.30 6.58 17.37
CA MET A 426 -20.10 6.05 18.01
C MET A 426 -18.86 6.69 17.39
N ASP A 427 -18.18 7.53 18.17
CA ASP A 427 -17.06 8.32 17.70
C ASP A 427 -15.72 7.72 18.13
N GLN A 428 -15.48 7.66 19.44
CA GLN A 428 -14.18 7.24 19.98
C GLN A 428 -14.22 5.75 20.26
N LEU A 429 -13.80 4.98 19.26
CA LEU A 429 -13.64 3.53 19.31
C LEU A 429 -12.25 3.18 19.85
N PRO A 430 -12.13 2.07 20.58
CA PRO A 430 -10.80 1.64 21.04
C PRO A 430 -9.85 1.42 19.87
N GLU A 431 -8.56 1.31 20.18
CA GLU A 431 -7.61 1.03 19.10
C GLU A 431 -7.76 -0.39 18.59
N LYS A 432 -8.12 -1.32 19.47
CA LYS A 432 -8.47 -2.67 19.07
C LYS A 432 -9.97 -2.85 19.21
N TRP A 433 -10.58 -3.54 18.25
CA TRP A 433 -12.02 -3.77 18.24
C TRP A 433 -12.28 -5.16 17.71
N TYR A 434 -13.31 -5.83 18.28
CA TYR A 434 -13.59 -7.20 17.90
C TYR A 434 -15.08 -7.38 17.72
N CYS A 435 -15.44 -8.32 16.85
CA CYS A 435 -16.85 -8.60 16.58
C CYS A 435 -17.64 -8.75 17.88
N SER A 436 -17.02 -9.24 18.95
CA SER A 436 -17.73 -9.42 20.21
C SER A 436 -18.09 -8.09 20.87
N ASN A 437 -17.35 -7.01 20.59
CA ASN A 437 -17.72 -5.67 21.06
C ASN A 437 -18.94 -5.10 20.35
N ASN A 438 -19.50 -5.80 19.37
CA ASN A 438 -20.49 -5.19 18.47
C ASN A 438 -21.82 -5.01 19.19
N PRO A 439 -22.35 -3.79 19.26
CA PRO A 439 -23.72 -3.62 19.80
C PRO A 439 -24.77 -4.35 19.00
N ASP A 440 -24.54 -4.58 17.71
CA ASP A 440 -25.46 -5.29 16.81
C ASP A 440 -25.44 -6.78 17.11
N PRO A 441 -26.47 -7.37 17.71
CA PRO A 441 -26.40 -8.80 18.07
C PRO A 441 -26.31 -9.74 16.87
N GLN A 442 -26.74 -9.31 15.68
CA GLN A 442 -26.66 -10.14 14.49
C GLN A 442 -25.23 -10.33 14.00
N PHE A 443 -24.30 -9.47 14.40
CA PHE A 443 -22.95 -9.47 13.87
C PHE A 443 -21.93 -9.44 15.00
N ARG A 444 -22.14 -10.28 16.01
CA ARG A 444 -21.36 -10.27 17.24
C ARG A 444 -20.42 -11.44 17.33
N ASN A 445 -20.22 -12.18 16.25
CA ASN A 445 -19.32 -13.32 16.22
C ASN A 445 -18.60 -13.36 14.88
N CYS A 446 -17.30 -13.70 14.91
CA CYS A 446 -16.46 -13.67 13.72
C CYS A 446 -16.90 -14.62 12.61
N GLU A 447 -17.86 -15.51 12.86
CA GLU A 447 -18.30 -16.45 11.82
C GLU A 447 -19.37 -15.87 10.92
N VAL A 448 -20.05 -14.83 11.34
CA VAL A 448 -21.12 -14.26 10.52
C VAL A 448 -20.50 -13.58 9.32
N PRO A 449 -20.93 -13.90 8.09
CA PRO A 449 -20.34 -13.23 6.92
C PRO A 449 -20.58 -11.73 6.96
N GLU A 450 -19.69 -10.99 6.31
CA GLU A 450 -19.82 -9.54 6.24
C GLU A 450 -21.18 -9.12 5.71
N GLU A 451 -21.71 -8.04 6.28
CA GLU A 451 -22.95 -7.44 5.80
C GLU A 451 -22.70 -6.80 4.43
N PRO A 452 -23.70 -6.81 3.52
CA PRO A 452 -23.52 -6.11 2.23
C PRO A 452 -23.53 -4.60 2.39
N GLU A 453 -22.62 -3.94 1.67
CA GLU A 453 -22.55 -2.48 1.66
C GLU A 453 -23.75 -1.82 0.98
N ASP A 454 -24.56 -2.58 0.24
CA ASP A 454 -25.69 -2.10 -0.55
C ASP A 454 -25.24 -1.21 -1.72
ZN ZN B . -14.25 -10.75 14.00
MG MG C . 4.84 -6.66 -6.29
PG ANP D . 4.66 -6.23 -9.53
O1G ANP D . 4.61 -5.78 -8.10
O2G ANP D . 5.99 -5.88 -10.17
O3G ANP D . 3.51 -5.53 -10.22
PB ANP D . 5.09 -8.96 -8.48
O1B ANP D . 4.48 -8.58 -7.14
O2B ANP D . 4.84 -10.40 -8.81
N3B ANP D . 4.47 -7.94 -9.67
PA ANP D . 7.55 -8.22 -7.11
O1A ANP D . 6.86 -7.15 -6.28
O2A ANP D . 8.95 -7.83 -7.55
O3A ANP D . 6.71 -8.63 -8.48
O5' ANP D . 7.65 -9.61 -6.21
C5' ANP D . 8.22 -10.68 -6.91
C4' ANP D . 7.78 -11.98 -6.17
O4' ANP D . 8.29 -12.01 -4.97
C3' ANP D . 6.26 -11.89 -5.97
O3' ANP D . 5.67 -12.41 -7.08
C2' ANP D . 6.07 -12.74 -4.68
O2' ANP D . 5.77 -14.13 -5.12
C1' ANP D . 7.20 -12.68 -4.00
N9 ANP D . 7.13 -11.81 -2.82
C8 ANP D . 7.35 -10.48 -2.79
N7 ANP D . 7.20 -10.05 -1.53
C5 ANP D . 6.90 -11.13 -0.77
C6 ANP D . 6.64 -11.27 0.58
N6 ANP D . 6.59 -10.30 1.66
N1 ANP D . 6.35 -12.45 1.10
C2 ANP D . 6.33 -13.55 0.29
N3 ANP D . 6.57 -13.42 -1.03
C4 ANP D . 6.86 -12.22 -1.56
#